data_4IWF
#
_entry.id   4IWF
#
_cell.length_a   55.897
_cell.length_b   83.036
_cell.length_c   58.191
_cell.angle_alpha   90.00
_cell.angle_beta   108.54
_cell.angle_gamma   90.00
#
_symmetry.space_group_name_H-M   'P 1 21 1'
#
loop_
_entity.id
_entity.type
_entity.pdbx_description
1 polymer 'Estrogen receptor'
2 polymer 'Nuclear receptor coactivator 2'
3 non-polymer "2-chloro-3'-fluoro-3-[(E)-(hydroxyimino)methyl]biphenyl-4,4'-diol"
4 water water
#
loop_
_entity_poly.entity_id
_entity_poly.type
_entity_poly.pdbx_seq_one_letter_code
_entity_poly.pdbx_strand_id
1 'polypeptide(L)'
;KNSLALSLTADQMVSALLDAEPPILYSEYDPTRPFSEASMMGLLTNLADRELVHMINWAKRVPGFVDLTLHDQVHLLECA
WLEILMIGLVWRSMEHPGKLLFAPNLLLDRNQGKCVEGMVEIFDMLLATSSRFRMMNLQGEEFVCLKSIILLNSGVYTFL
SSTLKSLEEKDHIHRVLDKITDTLIHLMAKAGLTLQQQHQRLAQLLLILSHIRHMSNKGMEHLYSMKCKNVVPLSDLLLE
MLDAHRL
;
A,B
2 'polypeptide(L)' HKILHRLLQD C,D
#
loop_
_chem_comp.id
_chem_comp.type
_chem_comp.name
_chem_comp.formula
15Q non-polymer 2-chloro-3'-fluoro-3-[(E)-(hydroxyimino)methyl]biphenyl-4,4'-diol 'C13 H9 Cl F N O3'
#
# COMPACT_ATOMS: atom_id res chain seq x y z
N SER A 3 2.28 25.15 -15.19
CA SER A 3 2.88 23.90 -15.68
C SER A 3 2.23 23.42 -16.98
N LEU A 4 3.01 22.71 -17.79
CA LEU A 4 2.52 22.14 -19.05
C LEU A 4 1.82 20.82 -18.82
N ALA A 5 2.19 20.13 -17.75
CA ALA A 5 1.55 18.87 -17.41
C ALA A 5 0.04 19.05 -17.19
N LEU A 6 -0.31 20.01 -16.34
CA LEU A 6 -1.72 20.31 -16.05
C LEU A 6 -2.51 20.65 -17.32
N SER A 7 -1.80 21.04 -18.37
CA SER A 7 -2.44 21.49 -19.60
C SER A 7 -2.71 20.36 -20.59
N LEU A 8 -1.93 19.29 -20.49
CA LEU A 8 -2.10 18.12 -21.35
C LEU A 8 -3.51 17.58 -21.30
N THR A 9 -4.00 17.13 -22.46
CA THR A 9 -5.27 16.40 -22.52
C THR A 9 -5.07 14.99 -22.01
N ALA A 10 -6.17 14.27 -21.82
CA ALA A 10 -6.08 12.86 -21.44
C ALA A 10 -5.26 12.08 -22.46
N ASP A 11 -5.59 12.27 -23.74
CA ASP A 11 -4.91 11.55 -24.81
C ASP A 11 -3.41 11.85 -24.89
N GLN A 12 -3.03 13.10 -24.62
CA GLN A 12 -1.62 13.50 -24.67
C GLN A 12 -0.85 12.95 -23.47
N MET A 13 -1.54 12.84 -22.35
CA MET A 13 -0.98 12.21 -21.15
C MET A 13 -0.59 10.77 -21.45
N VAL A 14 -1.54 10.02 -21.99
CA VAL A 14 -1.33 8.61 -22.32
C VAL A 14 -0.17 8.49 -23.31
N SER A 15 -0.19 9.37 -24.31
CA SER A 15 0.85 9.34 -25.35
C SER A 15 2.23 9.57 -24.73
N ALA A 16 2.36 10.60 -23.90
CA ALA A 16 3.62 10.88 -23.21
C ALA A 16 4.13 9.66 -22.43
N LEU A 17 3.24 9.01 -21.70
CA LEU A 17 3.62 7.91 -20.82
C LEU A 17 4.00 6.66 -21.61
N LEU A 18 3.26 6.37 -22.67
CA LEU A 18 3.56 5.20 -23.49
C LEU A 18 4.93 5.36 -24.15
N ASP A 19 5.24 6.57 -24.58
CA ASP A 19 6.51 6.82 -25.27
C ASP A 19 7.69 6.81 -24.29
N ALA A 20 7.42 7.13 -23.03
CA ALA A 20 8.47 7.20 -21.99
C ALA A 20 8.85 5.83 -21.44
N GLU A 21 8.13 4.80 -21.87
CA GLU A 21 8.31 3.45 -21.33
C GLU A 21 9.74 2.99 -21.51
N PRO A 22 10.33 2.44 -20.45
CA PRO A 22 11.71 1.91 -20.54
C PRO A 22 11.72 0.61 -21.33
N PRO A 23 12.91 0.20 -21.81
CA PRO A 23 13.04 -1.07 -22.54
C PRO A 23 12.99 -2.28 -21.61
N ILE A 24 12.65 -3.45 -22.15
CA ILE A 24 12.81 -4.70 -21.41
C ILE A 24 14.28 -5.12 -21.51
N LEU A 25 14.94 -5.26 -20.37
CA LEU A 25 16.37 -5.57 -20.34
C LEU A 25 16.61 -7.07 -20.17
N TYR A 26 17.78 -7.55 -20.63
CA TYR A 26 18.16 -8.94 -20.40
C TYR A 26 18.94 -9.08 -19.09
N SER A 27 18.83 -10.24 -18.44
CA SER A 27 19.65 -10.53 -17.27
C SER A 27 21.00 -11.07 -17.71
N GLU A 28 21.97 -11.11 -16.80
CA GLU A 28 23.25 -11.72 -17.12
C GLU A 28 23.24 -13.23 -16.79
N TYR A 29 22.06 -13.84 -16.84
CA TYR A 29 21.91 -15.27 -16.55
C TYR A 29 22.90 -16.13 -17.32
N ASP A 30 23.57 -17.03 -16.60
CA ASP A 30 24.50 -17.97 -17.24
C ASP A 30 24.02 -19.42 -17.12
N PRO A 31 23.50 -19.97 -18.23
CA PRO A 31 22.94 -21.32 -18.25
C PRO A 31 24.00 -22.42 -18.20
N THR A 32 25.28 -22.06 -18.17
CA THR A 32 26.35 -23.06 -18.09
C THR A 32 26.52 -23.49 -16.64
N ARG A 33 25.96 -22.70 -15.74
CA ARG A 33 26.16 -22.87 -14.31
C ARG A 33 24.81 -23.10 -13.63
N PRO A 34 24.78 -23.98 -12.61
CA PRO A 34 23.53 -24.15 -11.85
C PRO A 34 23.29 -22.97 -10.92
N PHE A 35 22.04 -22.78 -10.53
CA PHE A 35 21.72 -21.70 -9.60
C PHE A 35 22.24 -22.01 -8.21
N SER A 36 22.72 -20.98 -7.51
CA SER A 36 22.85 -21.01 -6.06
C SER A 36 21.99 -19.88 -5.52
N GLU A 37 21.82 -19.83 -4.20
CA GLU A 37 21.15 -18.67 -3.60
C GLU A 37 21.87 -17.40 -4.00
N ALA A 38 23.19 -17.38 -3.85
CA ALA A 38 23.99 -16.22 -4.19
C ALA A 38 23.83 -15.81 -5.67
N SER A 39 23.89 -16.78 -6.57
CA SER A 39 23.89 -16.44 -7.99
C SER A 39 22.52 -15.96 -8.46
N MET A 40 21.44 -16.54 -7.93
CA MET A 40 20.12 -16.06 -8.32
C MET A 40 19.87 -14.67 -7.75
N MET A 41 20.23 -14.44 -6.50
CA MET A 41 20.15 -13.09 -5.95
C MET A 41 21.03 -12.12 -6.73
N GLY A 42 22.19 -12.60 -7.18
CA GLY A 42 23.04 -11.80 -8.04
C GLY A 42 22.32 -11.35 -9.29
N LEU A 43 21.61 -12.27 -9.94
CA LEU A 43 20.90 -11.94 -11.17
C LEU A 43 19.85 -10.85 -10.94
N LEU A 44 19.00 -11.04 -9.94
CA LEU A 44 17.93 -10.08 -9.68
C LEU A 44 18.46 -8.71 -9.34
N THR A 45 19.56 -8.65 -8.59
CA THR A 45 20.07 -7.36 -8.14
C THR A 45 20.84 -6.64 -9.23
N ASN A 46 21.57 -7.40 -10.04
CA ASN A 46 22.26 -6.84 -11.20
C ASN A 46 21.23 -6.28 -12.18
N LEU A 47 20.18 -7.06 -12.42
CA LEU A 47 19.05 -6.63 -13.27
C LEU A 47 18.36 -5.40 -12.71
N ALA A 48 18.08 -5.39 -11.40
CA ALA A 48 17.40 -4.24 -10.82
C ALA A 48 18.26 -2.98 -10.99
N ASP A 49 19.57 -3.16 -10.84
CA ASP A 49 20.47 -2.03 -10.89
C ASP A 49 20.45 -1.39 -12.27
N ARG A 50 20.52 -2.21 -13.31
CA ARG A 50 20.50 -1.69 -14.67
C ARG A 50 19.14 -1.07 -14.99
N GLU A 51 18.06 -1.65 -14.45
CA GLU A 51 16.74 -1.07 -14.68
C GLU A 51 16.59 0.30 -14.03
N LEU A 52 17.23 0.48 -12.88
CA LEU A 52 17.10 1.73 -12.13
C LEU A 52 17.54 2.91 -12.98
N VAL A 53 18.64 2.74 -13.71
CA VAL A 53 19.14 3.81 -14.55
C VAL A 53 18.08 4.22 -15.57
N HIS A 54 17.41 3.25 -16.19
CA HIS A 54 16.37 3.56 -17.16
C HIS A 54 15.15 4.14 -16.45
N MET A 55 14.92 3.71 -15.22
CA MET A 55 13.76 4.21 -14.46
C MET A 55 13.90 5.72 -14.23
N ILE A 56 15.12 6.16 -13.98
CA ILE A 56 15.39 7.57 -13.75
C ILE A 56 15.10 8.41 -14.99
N ASN A 57 15.52 7.94 -16.17
CA ASN A 57 15.18 8.65 -17.41
C ASN A 57 13.69 8.68 -17.60
N TRP A 58 13.04 7.57 -17.29
CA TRP A 58 11.59 7.49 -17.41
C TRP A 58 10.88 8.48 -16.50
N ALA A 59 11.30 8.55 -15.23
CA ALA A 59 10.58 9.40 -14.28
C ALA A 59 10.68 10.84 -14.76
N LYS A 60 11.82 11.19 -15.36
CA LYS A 60 11.98 12.56 -15.85
C LYS A 60 10.95 12.93 -16.94
N ARG A 61 10.37 11.91 -17.57
CA ARG A 61 9.40 12.15 -18.64
C ARG A 61 7.96 12.01 -18.17
N VAL A 62 7.78 11.64 -16.90
CA VAL A 62 6.44 11.64 -16.31
C VAL A 62 6.05 13.10 -16.07
N PRO A 63 5.00 13.56 -16.76
CA PRO A 63 4.53 14.95 -16.66
C PRO A 63 4.50 15.44 -15.22
N GLY A 64 5.05 16.63 -14.98
CA GLY A 64 5.07 17.19 -13.64
C GLY A 64 6.27 16.85 -12.78
N PHE A 65 6.96 15.75 -13.10
CA PHE A 65 8.06 15.30 -12.25
C PHE A 65 9.25 16.26 -12.30
N VAL A 66 9.56 16.78 -13.48
CA VAL A 66 10.69 17.69 -13.64
C VAL A 66 10.45 19.04 -12.97
N ASP A 67 9.22 19.29 -12.55
CA ASP A 67 8.88 20.56 -11.92
C ASP A 67 9.32 20.59 -10.45
N LEU A 68 9.57 19.42 -9.89
CA LEU A 68 9.98 19.28 -8.49
C LEU A 68 11.47 19.54 -8.31
N THR A 69 11.87 19.89 -7.09
CA THR A 69 13.29 20.04 -6.78
C THR A 69 13.97 18.68 -6.85
N LEU A 70 15.29 18.69 -7.03
CA LEU A 70 16.09 17.47 -7.01
C LEU A 70 15.85 16.65 -5.75
N HIS A 71 15.73 17.33 -4.62
CA HIS A 71 15.48 16.64 -3.35
C HIS A 71 14.14 15.95 -3.31
N ASP A 72 13.12 16.59 -3.88
CA ASP A 72 11.82 15.94 -4.03
C ASP A 72 11.84 14.78 -5.01
N GLN A 73 12.53 14.95 -6.14
CA GLN A 73 12.63 13.85 -7.09
C GLN A 73 13.35 12.67 -6.46
N VAL A 74 14.47 12.94 -5.79
CA VAL A 74 15.21 11.89 -5.09
C VAL A 74 14.31 11.12 -4.10
N HIS A 75 13.59 11.86 -3.27
CA HIS A 75 12.72 11.24 -2.26
C HIS A 75 11.64 10.32 -2.84
N LEU A 76 10.88 10.83 -3.80
CA LEU A 76 9.88 10.02 -4.49
C LEU A 76 10.46 8.74 -5.09
N LEU A 77 11.60 8.84 -5.76
CA LEU A 77 12.20 7.66 -6.38
C LEU A 77 12.75 6.71 -5.31
N GLU A 78 13.34 7.27 -4.25
CA GLU A 78 13.84 6.44 -3.16
C GLU A 78 12.70 5.68 -2.54
N CYS A 79 11.54 6.32 -2.46
CA CYS A 79 10.38 5.66 -1.85
C CYS A 79 9.76 4.59 -2.76
N ALA A 80 9.70 4.85 -4.07
CA ALA A 80 8.87 4.01 -4.96
C ALA A 80 9.65 3.07 -5.86
N TRP A 81 10.98 3.14 -5.86
CA TRP A 81 11.72 2.38 -6.87
C TRP A 81 11.36 0.89 -6.94
N LEU A 82 11.26 0.20 -5.81
CA LEU A 82 10.99 -1.24 -5.88
C LEU A 82 9.54 -1.52 -6.28
N GLU A 83 8.61 -0.69 -5.81
CA GLU A 83 7.24 -0.81 -6.29
C GLU A 83 7.18 -0.71 -7.81
N ILE A 84 7.87 0.28 -8.34
CA ILE A 84 7.89 0.53 -9.78
C ILE A 84 8.53 -0.64 -10.53
N LEU A 85 9.61 -1.19 -9.99
CA LEU A 85 10.22 -2.37 -10.59
C LEU A 85 9.27 -3.56 -10.55
N MET A 86 8.58 -3.72 -9.42
CA MET A 86 7.67 -4.87 -9.28
C MET A 86 6.39 -4.76 -10.11
N ILE A 87 5.78 -3.59 -10.19
CA ILE A 87 4.60 -3.50 -11.05
C ILE A 87 4.98 -3.80 -12.50
N GLY A 88 6.17 -3.38 -12.92
CA GLY A 88 6.64 -3.71 -14.26
C GLY A 88 6.83 -5.20 -14.47
N LEU A 89 7.41 -5.88 -13.48
CA LEU A 89 7.58 -7.33 -13.50
C LEU A 89 6.25 -8.05 -13.63
N VAL A 90 5.30 -7.65 -12.79
CA VAL A 90 3.98 -8.27 -12.80
C VAL A 90 3.38 -8.05 -14.18
N TRP A 91 3.51 -6.83 -14.69
CA TRP A 91 2.94 -6.50 -16.00
C TRP A 91 3.50 -7.39 -17.11
N ARG A 92 4.82 -7.56 -17.15
CA ARG A 92 5.37 -8.36 -18.25
C ARG A 92 5.22 -9.86 -18.02
N SER A 93 4.88 -10.25 -16.80
CA SER A 93 4.61 -11.65 -16.50
C SER A 93 3.17 -12.05 -16.86
N MET A 94 2.33 -11.06 -17.15
CA MET A 94 0.92 -11.30 -17.39
C MET A 94 0.60 -12.49 -18.28
N GLU A 95 1.26 -12.57 -19.43
CA GLU A 95 0.93 -13.64 -20.38
C GLU A 95 1.74 -14.91 -20.12
N HIS A 96 2.27 -15.03 -18.91
CA HIS A 96 3.02 -16.22 -18.52
C HIS A 96 2.49 -16.75 -17.20
N PRO A 97 1.27 -17.34 -17.23
CA PRO A 97 0.66 -17.83 -16.00
C PRO A 97 1.63 -18.73 -15.24
N GLY A 98 1.78 -18.51 -13.94
CA GLY A 98 2.65 -19.34 -13.12
C GLY A 98 4.13 -19.00 -13.20
N LYS A 99 4.47 -17.98 -13.99
CA LYS A 99 5.87 -17.60 -14.12
C LYS A 99 6.10 -16.10 -13.96
N LEU A 100 7.32 -15.74 -13.59
CA LEU A 100 7.71 -14.35 -13.46
C LEU A 100 8.77 -14.05 -14.53
N LEU A 101 8.44 -13.17 -15.46
CA LEU A 101 9.37 -12.81 -16.56
C LEU A 101 10.26 -11.67 -16.10
N PHE A 102 11.27 -12.00 -15.28
CA PHE A 102 12.22 -10.98 -14.84
C PHE A 102 12.88 -10.36 -16.07
N ALA A 103 13.16 -11.22 -17.03
CA ALA A 103 13.78 -10.85 -18.30
C ALA A 103 13.40 -11.93 -19.30
N PRO A 104 13.54 -11.63 -20.59
CA PRO A 104 13.23 -12.64 -21.61
C PRO A 104 14.04 -13.92 -21.41
N ASN A 105 15.25 -13.79 -20.85
CA ASN A 105 16.13 -14.94 -20.64
C ASN A 105 16.14 -15.39 -19.18
N LEU A 106 15.15 -14.95 -18.44
CA LEU A 106 15.07 -15.30 -17.03
C LEU A 106 13.61 -15.32 -16.62
N LEU A 107 12.97 -16.47 -16.88
CA LEU A 107 11.55 -16.67 -16.63
C LEU A 107 11.47 -17.76 -15.55
N LEU A 108 11.06 -17.37 -14.34
CA LEU A 108 11.17 -18.27 -13.19
C LEU A 108 9.80 -18.60 -12.61
N ASP A 109 9.61 -19.85 -12.19
CA ASP A 109 8.39 -20.27 -11.49
C ASP A 109 8.65 -20.24 -9.99
N ARG A 110 7.60 -20.42 -9.19
CA ARG A 110 7.75 -20.35 -7.74
C ARG A 110 8.77 -21.34 -7.21
N ASN A 111 8.88 -22.51 -7.84
CA ASN A 111 9.84 -23.50 -7.37
C ASN A 111 11.30 -23.08 -7.52
N GLN A 112 11.59 -22.27 -8.53
CA GLN A 112 12.94 -21.71 -8.67
C GLN A 112 13.18 -20.63 -7.60
N GLY A 113 12.11 -19.95 -7.19
CA GLY A 113 12.23 -18.95 -6.14
C GLY A 113 12.72 -19.53 -4.82
N LYS A 114 12.47 -20.82 -4.62
CA LYS A 114 12.83 -21.47 -3.35
C LYS A 114 14.33 -21.52 -3.18
N CYS A 115 15.05 -21.27 -4.27
CA CYS A 115 16.50 -21.38 -4.26
C CYS A 115 17.13 -20.32 -3.33
N VAL A 116 16.37 -19.26 -3.06
CA VAL A 116 16.79 -18.18 -2.19
C VAL A 116 15.90 -18.15 -0.96
N GLU A 117 16.50 -18.19 0.21
CA GLU A 117 15.73 -18.26 1.45
C GLU A 117 14.81 -17.05 1.54
N GLY A 118 13.55 -17.31 1.90
CA GLY A 118 12.56 -16.25 2.08
C GLY A 118 12.06 -15.63 0.80
N MET A 119 12.51 -16.12 -0.35
N MET A 119 12.51 -16.12 -0.35
CA MET A 119 12.13 -15.51 -1.62
CA MET A 119 12.12 -15.50 -1.63
C MET A 119 10.80 -16.03 -2.18
C MET A 119 10.79 -16.03 -2.17
N VAL A 120 10.52 -17.31 -1.95
CA VAL A 120 9.31 -17.95 -2.46
C VAL A 120 8.02 -17.22 -2.03
N GLU A 121 8.03 -16.71 -0.80
CA GLU A 121 6.87 -15.98 -0.29
C GLU A 121 6.60 -14.79 -1.18
N ILE A 122 7.69 -14.15 -1.61
CA ILE A 122 7.61 -12.95 -2.44
C ILE A 122 7.21 -13.33 -3.87
N PHE A 123 7.84 -14.35 -4.45
CA PHE A 123 7.36 -14.85 -5.75
C PHE A 123 5.85 -15.11 -5.74
N ASP A 124 5.35 -15.76 -4.69
CA ASP A 124 3.92 -16.07 -4.66
C ASP A 124 3.03 -14.82 -4.70
N MET A 125 3.45 -13.76 -4.01
CA MET A 125 2.67 -12.52 -4.04
C MET A 125 2.70 -11.89 -5.43
N LEU A 126 3.88 -11.88 -6.04
CA LEU A 126 4.05 -11.34 -7.38
C LEU A 126 3.19 -12.10 -8.36
N LEU A 127 3.24 -13.44 -8.28
CA LEU A 127 2.42 -14.27 -9.16
C LEU A 127 0.92 -14.02 -8.95
N ALA A 128 0.49 -13.90 -7.69
CA ALA A 128 -0.93 -13.66 -7.44
C ALA A 128 -1.36 -12.33 -8.06
N THR A 129 -0.48 -11.34 -8.01
CA THR A 129 -0.79 -10.02 -8.56
C THR A 129 -0.87 -10.08 -10.08
N SER A 130 0.04 -10.83 -10.70
CA SER A 130 0.00 -11.01 -12.14
C SER A 130 -1.30 -11.70 -12.54
N SER A 131 -1.67 -12.73 -11.78
CA SER A 131 -2.92 -13.44 -11.97
C SER A 131 -4.11 -12.47 -11.92
N ARG A 132 -4.03 -11.52 -11.00
CA ARG A 132 -5.07 -10.49 -10.83
C ARG A 132 -5.14 -9.55 -12.03
N PHE A 133 -3.98 -9.12 -12.52
CA PHE A 133 -3.95 -8.27 -13.71
C PHE A 133 -4.61 -9.01 -14.86
N ARG A 134 -4.31 -10.30 -14.95
CA ARG A 134 -4.80 -11.15 -16.03
C ARG A 134 -6.33 -11.25 -15.97
N MET A 135 -6.84 -11.49 -14.76
CA MET A 135 -8.28 -11.59 -14.55
C MET A 135 -9.03 -10.29 -14.79
N MET A 136 -8.40 -9.16 -14.47
CA MET A 136 -8.97 -7.84 -14.77
C MET A 136 -8.75 -7.41 -16.21
N ASN A 137 -7.92 -8.16 -16.93
CA ASN A 137 -7.53 -7.76 -18.28
C ASN A 137 -6.99 -6.32 -18.31
N LEU A 138 -6.03 -6.04 -17.44
CA LEU A 138 -5.36 -4.74 -17.37
C LEU A 138 -4.80 -4.36 -18.73
N GLN A 139 -5.00 -3.11 -19.15
CA GLN A 139 -4.49 -2.63 -20.43
C GLN A 139 -3.19 -1.85 -20.27
N GLY A 140 -2.36 -1.84 -21.33
CA GLY A 140 -1.11 -1.10 -21.26
C GLY A 140 -1.27 0.36 -20.87
N GLU A 141 -2.32 1.02 -21.35
CA GLU A 141 -2.56 2.43 -21.02
C GLU A 141 -2.88 2.61 -19.54
N GLU A 142 -3.59 1.63 -18.97
CA GLU A 142 -3.87 1.63 -17.54
C GLU A 142 -2.61 1.34 -16.72
N PHE A 143 -1.82 0.39 -17.19
CA PHE A 143 -0.57 0.08 -16.52
C PHE A 143 0.30 1.33 -16.43
N VAL A 144 0.48 2.06 -17.53
CA VAL A 144 1.40 3.21 -17.44
C VAL A 144 0.90 4.29 -16.50
N CYS A 145 -0.42 4.48 -16.47
CA CYS A 145 -1.00 5.41 -15.51
C CYS A 145 -0.71 4.95 -14.08
N LEU A 146 -0.93 3.66 -13.79
CA LEU A 146 -0.72 3.17 -12.43
C LEU A 146 0.74 3.30 -12.03
N LYS A 147 1.66 3.06 -12.97
CA LYS A 147 3.07 3.13 -12.60
C LYS A 147 3.44 4.58 -12.24
N SER A 148 2.89 5.54 -12.97
CA SER A 148 3.16 6.94 -12.72
C SER A 148 2.50 7.41 -11.41
N ILE A 149 1.32 6.87 -11.12
CA ILE A 149 0.70 7.18 -9.83
C ILE A 149 1.61 6.75 -8.67
N ILE A 150 2.20 5.56 -8.77
CA ILE A 150 3.08 5.08 -7.69
C ILE A 150 4.23 6.05 -7.47
N LEU A 151 4.87 6.47 -8.57
CA LEU A 151 6.00 7.39 -8.47
C LEU A 151 5.61 8.66 -7.74
N LEU A 152 4.46 9.22 -8.11
CA LEU A 152 4.07 10.49 -7.55
C LEU A 152 3.46 10.33 -6.15
N ASN A 153 2.81 9.21 -5.88
CA ASN A 153 2.06 9.05 -4.62
C ASN A 153 2.87 8.45 -3.44
N SER A 154 3.69 7.45 -3.71
CA SER A 154 4.24 6.68 -2.59
C SER A 154 4.98 7.55 -1.58
N GLY A 155 5.79 8.48 -2.07
CA GLY A 155 6.56 9.31 -1.17
C GLY A 155 5.89 10.62 -0.78
N VAL A 156 4.70 10.86 -1.32
CA VAL A 156 4.09 12.20 -1.23
C VAL A 156 3.76 12.64 0.20
N TYR A 157 3.46 11.68 1.07
CA TYR A 157 3.13 12.04 2.46
C TYR A 157 4.35 11.99 3.37
N THR A 158 5.53 11.89 2.77
CA THR A 158 6.76 11.98 3.53
C THR A 158 7.40 13.34 3.26
N PHE A 159 6.61 14.25 2.71
CA PHE A 159 7.00 15.65 2.54
C PHE A 159 6.90 16.39 3.87
N GLU A 168 2.30 23.38 -1.13
CA GLU A 168 3.23 24.18 -1.92
C GLU A 168 3.35 23.62 -3.33
N GLU A 169 4.34 22.75 -3.53
CA GLU A 169 4.45 21.96 -4.75
C GLU A 169 3.81 20.60 -4.48
N LYS A 170 3.58 20.33 -3.20
CA LYS A 170 2.84 19.15 -2.77
C LYS A 170 1.44 19.23 -3.36
N ASP A 171 0.95 20.47 -3.49
CA ASP A 171 -0.32 20.74 -4.14
C ASP A 171 -0.20 20.44 -5.63
N HIS A 172 0.91 20.88 -6.22
CA HIS A 172 1.23 20.60 -7.61
C HIS A 172 1.14 19.09 -7.89
N ILE A 173 1.85 18.29 -7.10
CA ILE A 173 1.86 16.84 -7.24
C ILE A 173 0.42 16.27 -7.20
N HIS A 174 -0.39 16.79 -6.28
CA HIS A 174 -1.76 16.31 -6.18
C HIS A 174 -2.58 16.73 -7.39
N ARG A 175 -2.26 17.88 -7.98
CA ARG A 175 -2.93 18.29 -9.21
C ARG A 175 -2.60 17.31 -10.33
N VAL A 176 -1.31 16.96 -10.46
CA VAL A 176 -0.90 15.98 -11.45
C VAL A 176 -1.56 14.63 -11.22
N LEU A 177 -1.59 14.18 -9.96
CA LEU A 177 -2.27 12.93 -9.63
C LEU A 177 -3.75 12.97 -10.03
N ASP A 178 -4.39 14.11 -9.84
CA ASP A 178 -5.80 14.25 -10.25
C ASP A 178 -5.93 14.09 -11.77
N LYS A 179 -5.00 14.68 -12.50
CA LYS A 179 -4.95 14.53 -13.96
C LYS A 179 -4.85 13.07 -14.40
N ILE A 180 -4.08 12.27 -13.68
CA ILE A 180 -3.93 10.88 -14.06
C ILE A 180 -5.22 10.12 -13.75
N THR A 181 -5.93 10.55 -12.72
CA THR A 181 -7.24 9.98 -12.46
C THR A 181 -8.18 10.30 -13.61
N ASP A 182 -8.20 11.55 -14.07
CA ASP A 182 -9.07 11.91 -15.18
C ASP A 182 -8.70 11.06 -16.39
N THR A 183 -7.41 10.77 -16.54
CA THR A 183 -6.94 10.01 -17.69
C THR A 183 -7.44 8.56 -17.62
N LEU A 184 -7.32 7.93 -16.46
CA LEU A 184 -7.82 6.57 -16.27
C LEU A 184 -9.31 6.50 -16.62
N ILE A 185 -10.09 7.47 -16.13
CA ILE A 185 -11.52 7.45 -16.36
C ILE A 185 -11.79 7.61 -17.85
N HIS A 186 -11.06 8.53 -18.47
CA HIS A 186 -11.15 8.75 -19.91
C HIS A 186 -10.89 7.45 -20.68
N LEU A 187 -9.88 6.69 -20.28
CA LEU A 187 -9.55 5.44 -20.98
C LEU A 187 -10.66 4.42 -20.85
N MET A 188 -11.22 4.30 -19.66
CA MET A 188 -12.30 3.33 -19.41
C MET A 188 -13.57 3.71 -20.15
N ALA A 189 -13.88 4.99 -20.18
CA ALA A 189 -15.04 5.47 -20.93
C ALA A 189 -14.84 5.20 -22.42
N LYS A 190 -13.67 5.58 -22.93
CA LYS A 190 -13.33 5.37 -24.34
C LYS A 190 -13.47 3.89 -24.67
N ALA A 191 -13.09 3.04 -23.72
CA ALA A 191 -13.23 1.58 -23.88
C ALA A 191 -14.68 1.09 -23.74
N GLY A 192 -15.61 1.99 -23.44
CA GLY A 192 -17.02 1.65 -23.43
C GLY A 192 -17.59 1.18 -22.09
N LEU A 193 -16.83 1.30 -21.02
CA LEU A 193 -17.34 0.90 -19.71
C LEU A 193 -18.45 1.88 -19.28
N THR A 194 -19.53 1.36 -18.72
CA THR A 194 -20.58 2.21 -18.19
C THR A 194 -20.03 3.09 -17.07
N LEU A 195 -20.77 4.13 -16.70
CA LEU A 195 -20.34 5.05 -15.63
C LEU A 195 -20.06 4.31 -14.32
N GLN A 196 -20.96 3.42 -13.91
CA GLN A 196 -20.72 2.62 -12.70
C GLN A 196 -19.46 1.77 -12.83
N GLN A 197 -19.33 1.08 -13.95
CA GLN A 197 -18.12 0.30 -14.20
C GLN A 197 -16.84 1.12 -14.11
N GLN A 198 -16.88 2.38 -14.53
CA GLN A 198 -15.70 3.23 -14.47
C GLN A 198 -15.22 3.43 -13.05
N HIS A 199 -16.12 3.77 -12.13
CA HIS A 199 -15.67 3.99 -10.76
C HIS A 199 -15.31 2.68 -10.06
N GLN A 200 -16.02 1.61 -10.40
CA GLN A 200 -15.70 0.30 -9.86
C GLN A 200 -14.30 -0.18 -10.30
N ARG A 201 -13.98 0.01 -11.57
CA ARG A 201 -12.66 -0.41 -12.05
C ARG A 201 -11.55 0.50 -11.51
N LEU A 202 -11.79 1.80 -11.48
CA LEU A 202 -10.81 2.73 -10.93
C LEU A 202 -10.40 2.25 -9.56
N ALA A 203 -11.39 1.85 -8.77
CA ALA A 203 -11.14 1.40 -7.40
C ALA A 203 -10.38 0.06 -7.38
N GLN A 204 -10.79 -0.87 -8.23
CA GLN A 204 -10.09 -2.15 -8.27
C GLN A 204 -8.64 -1.92 -8.63
N LEU A 205 -8.40 -1.02 -9.58
CA LEU A 205 -7.01 -0.75 -10.03
C LEU A 205 -6.18 -0.12 -8.92
N LEU A 206 -6.75 0.85 -8.19
CA LEU A 206 -5.98 1.55 -7.16
C LEU A 206 -5.75 0.69 -5.92
N LEU A 207 -6.69 -0.22 -5.63
CA LEU A 207 -6.53 -1.12 -4.50
C LEU A 207 -5.34 -2.04 -4.71
N ILE A 208 -4.99 -2.29 -5.97
CA ILE A 208 -3.83 -3.13 -6.28
C ILE A 208 -2.54 -2.47 -5.83
N LEU A 209 -2.52 -1.14 -5.87
CA LEU A 209 -1.38 -0.37 -5.39
C LEU A 209 -1.08 -0.64 -3.92
N SER A 210 -2.07 -1.04 -3.14
CA SER A 210 -1.83 -1.40 -1.75
CA SER A 210 -1.81 -1.39 -1.76
C SER A 210 -1.09 -2.73 -1.68
N HIS A 211 -1.43 -3.65 -2.56
CA HIS A 211 -0.72 -4.91 -2.63
CA HIS A 211 -0.71 -4.92 -2.64
C HIS A 211 0.69 -4.70 -3.16
N ILE A 212 0.82 -3.82 -4.15
CA ILE A 212 2.17 -3.52 -4.69
C ILE A 212 3.06 -2.94 -3.58
N ARG A 213 2.47 -2.08 -2.75
CA ARG A 213 3.22 -1.47 -1.65
C ARG A 213 3.67 -2.52 -0.66
N HIS A 214 2.75 -3.45 -0.36
CA HIS A 214 3.06 -4.54 0.55
C HIS A 214 4.28 -5.34 0.04
N MET A 215 4.21 -5.79 -1.20
CA MET A 215 5.30 -6.59 -1.79
C MET A 215 6.59 -5.80 -1.78
N SER A 216 6.52 -4.51 -2.06
CA SER A 216 7.74 -3.72 -2.05
C SER A 216 8.35 -3.73 -0.65
N ASN A 217 7.53 -3.52 0.38
CA ASN A 217 8.07 -3.51 1.74
C ASN A 217 8.67 -4.84 2.13
N LYS A 218 8.04 -5.92 1.67
CA LYS A 218 8.57 -7.25 1.97
C LYS A 218 9.86 -7.52 1.17
N GLY A 219 9.92 -7.02 -0.06
CA GLY A 219 11.12 -7.21 -0.88
C GLY A 219 12.26 -6.36 -0.36
N MET A 220 11.93 -5.23 0.25
CA MET A 220 12.96 -4.36 0.79
C MET A 220 13.62 -5.01 2.00
N GLU A 221 12.80 -5.61 2.85
CA GLU A 221 13.31 -6.31 4.02
C GLU A 221 14.11 -7.54 3.62
N HIS A 222 13.68 -8.22 2.56
CA HIS A 222 14.40 -9.39 2.07
C HIS A 222 15.73 -8.96 1.52
N LEU A 223 15.73 -7.87 0.75
CA LEU A 223 16.97 -7.38 0.17
C LEU A 223 17.95 -6.99 1.27
N TYR A 224 17.45 -6.31 2.29
CA TYR A 224 18.29 -5.88 3.40
C TYR A 224 18.85 -7.11 4.09
N SER A 225 18.04 -8.16 4.19
CA SER A 225 18.55 -9.39 4.80
C SER A 225 19.72 -9.97 4.01
N MET A 226 19.62 -9.96 2.68
CA MET A 226 20.68 -10.54 1.87
C MET A 226 21.96 -9.71 1.98
N LYS A 227 21.81 -8.40 2.08
CA LYS A 227 22.95 -7.51 2.27
C LYS A 227 23.68 -7.85 3.56
N CYS A 228 22.91 -7.97 4.64
CA CYS A 228 23.48 -8.17 5.98
C CYS A 228 23.98 -9.58 6.25
N LYS A 229 23.63 -10.50 5.35
CA LYS A 229 24.15 -11.86 5.42
C LYS A 229 25.27 -12.04 4.39
N ASN A 230 25.62 -10.94 3.70
CA ASN A 230 26.70 -10.97 2.70
C ASN A 230 26.43 -12.01 1.62
N VAL A 231 25.17 -12.18 1.24
CA VAL A 231 24.81 -13.14 0.19
C VAL A 231 25.28 -12.66 -1.17
N VAL A 232 25.07 -11.38 -1.43
CA VAL A 232 25.43 -10.77 -2.71
C VAL A 232 25.86 -9.33 -2.51
N PRO A 233 26.81 -8.86 -3.32
CA PRO A 233 27.22 -7.45 -3.25
C PRO A 233 26.24 -6.58 -4.03
N LEU A 234 25.58 -5.64 -3.36
CA LEU A 234 24.70 -4.70 -4.06
C LEU A 234 25.55 -3.56 -4.62
N SER A 235 25.13 -3.01 -5.76
CA SER A 235 25.83 -1.85 -6.32
C SER A 235 25.69 -0.67 -5.36
N ASP A 236 26.54 0.34 -5.52
CA ASP A 236 26.47 1.52 -4.66
C ASP A 236 25.11 2.18 -4.77
N LEU A 237 24.59 2.26 -5.99
CA LEU A 237 23.26 2.85 -6.18
C LEU A 237 22.23 2.05 -5.39
N LEU A 238 22.27 0.73 -5.53
CA LEU A 238 21.31 -0.11 -4.79
C LEU A 238 21.44 0.09 -3.27
N LEU A 239 22.66 0.07 -2.78
CA LEU A 239 22.91 0.30 -1.35
C LEU A 239 22.29 1.63 -0.91
N GLU A 240 22.39 2.66 -1.76
CA GLU A 240 21.83 3.96 -1.42
C GLU A 240 20.30 3.95 -1.40
N MET A 241 19.69 3.34 -2.42
CA MET A 241 18.22 3.23 -2.49
C MET A 241 17.67 2.48 -1.26
N LEU A 242 18.41 1.45 -0.84
CA LEU A 242 18.01 0.60 0.27
C LEU A 242 18.09 1.34 1.61
N ASP A 243 19.20 2.05 1.82
CA ASP A 243 19.44 2.78 3.06
C ASP A 243 18.41 3.89 3.29
N ALA A 244 17.75 4.32 2.22
CA ALA A 244 16.69 5.30 2.33
C ALA A 244 15.48 4.72 3.07
N HIS A 245 15.43 3.39 3.13
CA HIS A 245 14.30 2.69 3.75
C HIS A 245 14.64 2.19 5.16
N ARG A 246 15.90 2.34 5.56
CA ARG A 246 16.32 1.96 6.91
C ARG A 246 16.82 3.17 7.69
N LEU B 4 -26.95 -10.84 1.78
CA LEU B 4 -27.50 -9.65 2.44
C LEU B 4 -26.76 -8.39 2.01
N ALA B 5 -25.42 -8.44 2.07
CA ALA B 5 -24.60 -7.31 1.67
C ALA B 5 -24.94 -6.77 0.27
N LEU B 6 -25.03 -7.67 -0.70
CA LEU B 6 -25.31 -7.28 -2.09
C LEU B 6 -26.69 -6.67 -2.27
N SER B 7 -27.55 -6.79 -1.25
CA SER B 7 -28.94 -6.33 -1.35
C SER B 7 -29.17 -4.97 -0.70
N LEU B 8 -28.25 -4.56 0.18
CA LEU B 8 -28.35 -3.28 0.87
C LEU B 8 -28.27 -2.09 -0.10
N THR B 9 -29.00 -1.02 0.24
CA THR B 9 -28.88 0.26 -0.45
C THR B 9 -27.60 0.97 -0.01
N ALA B 10 -27.24 2.05 -0.71
CA ALA B 10 -26.09 2.85 -0.31
C ALA B 10 -26.26 3.34 1.13
N ASP B 11 -27.37 4.04 1.39
CA ASP B 11 -27.65 4.58 2.71
C ASP B 11 -27.67 3.52 3.82
N GLN B 12 -28.12 2.31 3.48
CA GLN B 12 -28.15 1.21 4.45
C GLN B 12 -26.76 0.65 4.71
N MET B 13 -25.90 0.67 3.70
CA MET B 13 -24.52 0.26 3.90
C MET B 13 -23.87 1.18 4.93
N VAL B 14 -24.05 2.49 4.74
CA VAL B 14 -23.49 3.51 5.61
C VAL B 14 -24.02 3.38 7.04
N SER B 15 -25.33 3.21 7.13
CA SER B 15 -26.00 3.04 8.42
CA SER B 15 -26.00 3.05 8.41
C SER B 15 -25.41 1.85 9.14
N ALA B 16 -25.29 0.72 8.42
CA ALA B 16 -24.74 -0.49 8.99
C ALA B 16 -23.30 -0.31 9.49
N LEU B 17 -22.44 0.29 8.68
CA LEU B 17 -21.04 0.49 9.06
C LEU B 17 -20.91 1.44 10.25
N LEU B 18 -21.66 2.55 10.23
CA LEU B 18 -21.73 3.47 11.38
C LEU B 18 -22.20 2.74 12.64
N ASP B 19 -23.22 1.91 12.50
CA ASP B 19 -23.76 1.14 13.62
CA ASP B 19 -23.75 1.15 13.62
C ASP B 19 -22.71 0.18 14.17
N ALA B 20 -21.90 -0.39 13.28
CA ALA B 20 -20.91 -1.40 13.67
C ALA B 20 -19.66 -0.85 14.34
N GLU B 21 -19.50 0.48 14.37
CA GLU B 21 -18.26 1.09 14.83
C GLU B 21 -17.88 0.65 16.24
N PRO B 22 -16.57 0.48 16.47
CA PRO B 22 -16.13 0.02 17.80
C PRO B 22 -16.06 1.19 18.77
N PRO B 23 -16.09 0.90 20.08
CA PRO B 23 -16.01 1.97 21.09
C PRO B 23 -14.66 2.68 21.06
N ILE B 24 -14.57 3.87 21.64
CA ILE B 24 -13.25 4.49 21.84
C ILE B 24 -12.78 4.09 23.23
N LEU B 25 -11.65 3.38 23.30
CA LEU B 25 -11.17 2.86 24.58
C LEU B 25 -10.14 3.78 25.24
N TYR B 26 -10.08 3.75 26.56
CA TYR B 26 -9.11 4.50 27.34
C TYR B 26 -7.88 3.64 27.59
N SER B 27 -6.72 4.25 27.80
CA SER B 27 -5.54 3.47 28.18
C SER B 27 -5.36 3.50 29.69
N GLU B 28 -4.47 2.65 30.18
CA GLU B 28 -4.12 2.67 31.60
C GLU B 28 -2.95 3.63 31.76
N TYR B 29 -3.20 4.91 31.49
CA TYR B 29 -2.16 5.93 31.62
C TYR B 29 -2.31 6.77 32.88
N ASP B 30 -1.17 7.04 33.52
CA ASP B 30 -1.09 7.94 34.65
C ASP B 30 0.37 8.28 34.95
N PHE B 35 7.63 8.09 32.19
CA PHE B 35 7.51 7.86 30.75
C PHE B 35 8.82 7.33 30.17
N SER B 36 8.96 6.01 30.10
CA SER B 36 10.13 5.39 29.50
C SER B 36 9.78 4.64 28.22
N GLU B 37 10.78 4.04 27.60
CA GLU B 37 10.56 3.27 26.38
C GLU B 37 9.59 2.12 26.63
N ALA B 38 9.69 1.53 27.82
CA ALA B 38 8.89 0.37 28.19
C ALA B 38 7.45 0.72 28.58
N SER B 39 7.28 1.75 29.40
CA SER B 39 5.97 2.15 29.88
C SER B 39 5.05 2.61 28.75
N MET B 40 5.60 3.38 27.81
CA MET B 40 4.81 3.86 26.68
C MET B 40 4.42 2.70 25.76
N MET B 41 5.39 1.85 25.43
CA MET B 41 5.12 0.69 24.58
C MET B 41 4.11 -0.23 25.23
N GLY B 42 4.23 -0.41 26.55
CA GLY B 42 3.28 -1.20 27.30
C GLY B 42 1.91 -0.61 27.07
N LEU B 43 1.84 0.73 27.07
CA LEU B 43 0.57 1.41 26.87
C LEU B 43 0.00 1.16 25.47
N LEU B 44 0.83 1.34 24.45
CA LEU B 44 0.41 1.16 23.06
C LEU B 44 -0.07 -0.27 22.78
N THR B 45 0.69 -1.25 23.25
CA THR B 45 0.38 -2.66 23.02
C THR B 45 -0.77 -3.15 23.91
N ASN B 46 -0.91 -2.57 25.10
CA ASN B 46 -2.04 -2.86 25.98
C ASN B 46 -3.33 -2.38 25.32
N LEU B 47 -3.29 -1.14 24.83
CA LEU B 47 -4.42 -0.53 24.15
C LEU B 47 -4.80 -1.31 22.89
N ALA B 48 -3.78 -1.67 22.11
CA ALA B 48 -4.01 -2.39 20.85
C ALA B 48 -4.66 -3.74 21.09
N ASP B 49 -4.22 -4.43 22.14
CA ASP B 49 -4.75 -5.74 22.44
C ASP B 49 -6.24 -5.64 22.75
N ARG B 50 -6.63 -4.65 23.55
CA ARG B 50 -8.03 -4.48 23.91
C ARG B 50 -8.84 -4.06 22.68
N GLU B 51 -8.26 -3.20 21.85
CA GLU B 51 -8.92 -2.76 20.62
C GLU B 51 -9.21 -3.93 19.70
N LEU B 52 -8.26 -4.85 19.64
CA LEU B 52 -8.35 -6.03 18.77
C LEU B 52 -9.59 -6.87 19.04
N VAL B 53 -9.99 -6.96 20.31
CA VAL B 53 -11.16 -7.74 20.67
C VAL B 53 -12.42 -7.09 20.10
N HIS B 54 -12.49 -5.77 20.17
CA HIS B 54 -13.62 -5.04 19.60
C HIS B 54 -13.59 -5.03 18.07
N MET B 55 -12.39 -5.07 17.49
CA MET B 55 -12.28 -5.14 16.04
C MET B 55 -12.93 -6.42 15.50
N ILE B 56 -12.72 -7.52 16.20
CA ILE B 56 -13.33 -8.79 15.78
C ILE B 56 -14.86 -8.74 15.73
N ASN B 57 -15.50 -8.12 16.73
CA ASN B 57 -16.95 -7.93 16.68
C ASN B 57 -17.36 -7.01 15.52
N TRP B 58 -16.56 -5.98 15.28
CA TRP B 58 -16.87 -5.04 14.22
C TRP B 58 -16.78 -5.74 12.87
N ALA B 59 -15.72 -6.52 12.66
CA ALA B 59 -15.57 -7.22 11.39
C ALA B 59 -16.79 -8.07 11.13
N LYS B 60 -17.23 -8.81 12.15
CA LYS B 60 -18.36 -9.70 11.94
C LYS B 60 -19.59 -8.91 11.50
N ARG B 61 -19.56 -7.59 11.67
CA ARG B 61 -20.71 -6.75 11.29
C ARG B 61 -20.48 -5.99 9.98
N VAL B 62 -19.30 -6.16 9.39
CA VAL B 62 -19.08 -5.65 8.05
C VAL B 62 -19.78 -6.58 7.08
N PRO B 63 -20.71 -6.03 6.29
CA PRO B 63 -21.56 -6.82 5.41
C PRO B 63 -20.74 -7.69 4.47
N GLY B 64 -21.10 -8.96 4.34
CA GLY B 64 -20.34 -9.89 3.54
C GLY B 64 -19.29 -10.72 4.29
N PHE B 65 -18.79 -10.19 5.40
CA PHE B 65 -17.71 -10.83 6.16
C PHE B 65 -18.12 -12.14 6.86
N VAL B 66 -19.33 -12.18 7.41
CA VAL B 66 -19.79 -13.39 8.08
C VAL B 66 -20.20 -14.46 7.07
N ASP B 67 -20.18 -14.11 5.78
CA ASP B 67 -20.45 -15.07 4.73
C ASP B 67 -19.22 -15.92 4.45
N LEU B 68 -18.05 -15.37 4.80
CA LEU B 68 -16.77 -16.02 4.54
C LEU B 68 -16.52 -17.16 5.50
N THR B 69 -15.74 -18.14 5.06
CA THR B 69 -15.26 -19.21 5.92
C THR B 69 -14.53 -18.64 7.13
N LEU B 70 -14.52 -19.38 8.23
CA LEU B 70 -13.77 -18.95 9.39
C LEU B 70 -12.31 -18.77 8.98
N HIS B 71 -11.80 -19.67 8.15
CA HIS B 71 -10.41 -19.59 7.71
C HIS B 71 -10.14 -18.29 6.96
N ASP B 72 -11.02 -17.91 6.04
CA ASP B 72 -10.86 -16.65 5.33
C ASP B 72 -11.03 -15.43 6.25
N GLN B 73 -11.95 -15.50 7.20
CA GLN B 73 -12.10 -14.40 8.14
C GLN B 73 -10.80 -14.20 8.90
N VAL B 74 -10.18 -15.30 9.32
CA VAL B 74 -8.95 -15.23 10.10
C VAL B 74 -7.80 -14.62 9.29
N HIS B 75 -7.66 -15.09 8.06
CA HIS B 75 -6.60 -14.58 7.18
C HIS B 75 -6.75 -13.07 6.94
N LEU B 76 -7.98 -12.63 6.61
CA LEU B 76 -8.21 -11.21 6.39
C LEU B 76 -7.85 -10.37 7.62
N LEU B 77 -8.27 -10.81 8.80
CA LEU B 77 -7.94 -10.08 10.03
C LEU B 77 -6.45 -10.13 10.33
N GLU B 78 -5.82 -11.29 10.14
CA GLU B 78 -4.39 -11.38 10.37
C GLU B 78 -3.62 -10.40 9.47
N CYS B 79 -4.06 -10.24 8.23
CA CYS B 79 -3.34 -9.33 7.32
C CYS B 79 -3.59 -7.86 7.63
N ALA B 80 -4.80 -7.54 8.10
CA ALA B 80 -5.26 -6.15 8.12
C ALA B 80 -5.29 -5.48 9.48
N TRP B 81 -5.11 -6.25 10.55
CA TRP B 81 -5.41 -5.73 11.88
C TRP B 81 -4.68 -4.42 12.24
N LEU B 82 -3.40 -4.30 11.90
CA LEU B 82 -2.66 -3.09 12.28
C LEU B 82 -3.03 -1.92 11.35
N GLU B 83 -3.31 -2.23 10.08
CA GLU B 83 -3.85 -1.20 9.18
C GLU B 83 -5.13 -0.61 9.75
N ILE B 84 -6.00 -1.48 10.24
CA ILE B 84 -7.30 -1.07 10.78
C ILE B 84 -7.17 -0.23 12.05
N LEU B 85 -6.26 -0.65 12.95
CA LEU B 85 -5.99 0.11 14.16
C LEU B 85 -5.43 1.49 13.80
N MET B 86 -4.51 1.52 12.83
CA MET B 86 -3.85 2.76 12.43
C MET B 86 -4.76 3.77 11.72
N ILE B 87 -5.64 3.32 10.84
CA ILE B 87 -6.55 4.26 10.19
C ILE B 87 -7.52 4.81 11.25
N GLY B 88 -7.86 3.99 12.23
CA GLY B 88 -8.67 4.46 13.34
C GLY B 88 -7.94 5.56 14.10
N LEU B 89 -6.67 5.29 14.39
CA LEU B 89 -5.83 6.26 15.12
C LEU B 89 -5.73 7.58 14.37
N VAL B 90 -5.49 7.49 13.07
CA VAL B 90 -5.40 8.66 12.21
C VAL B 90 -6.75 9.41 12.19
N TRP B 91 -7.84 8.68 12.04
CA TRP B 91 -9.17 9.30 12.04
C TRP B 91 -9.45 10.11 13.31
N ARG B 92 -9.20 9.54 14.48
CA ARG B 92 -9.54 10.27 15.70
C ARG B 92 -8.47 11.32 16.10
N SER B 93 -7.35 11.31 15.38
CA SER B 93 -6.35 12.35 15.55
C SER B 93 -6.58 13.56 14.62
N MET B 94 -7.44 13.37 13.63
CA MET B 94 -7.73 14.40 12.62
C MET B 94 -7.79 15.82 13.16
N GLU B 95 -8.55 16.02 14.24
CA GLU B 95 -8.77 17.37 14.79
C GLU B 95 -7.77 17.75 15.88
N HIS B 96 -6.67 17.03 15.97
CA HIS B 96 -5.57 17.36 16.88
C HIS B 96 -4.26 17.44 16.11
N PRO B 97 -4.10 18.50 15.30
CA PRO B 97 -2.90 18.73 14.49
C PRO B 97 -1.63 18.50 15.32
N GLY B 98 -0.69 17.72 14.79
CA GLY B 98 0.58 17.49 15.47
C GLY B 98 0.47 16.55 16.67
N LYS B 99 -0.67 15.89 16.81
CA LYS B 99 -0.88 15.00 17.94
C LYS B 99 -1.58 13.72 17.49
N LEU B 100 -1.26 12.63 18.18
CA LEU B 100 -1.91 11.34 17.93
C LEU B 100 -2.80 10.98 19.12
N LEU B 101 -4.11 10.92 18.89
CA LEU B 101 -5.05 10.58 19.95
C LEU B 101 -5.17 9.06 20.02
N PHE B 102 -4.23 8.44 20.71
CA PHE B 102 -4.28 7.00 20.90
C PHE B 102 -5.51 6.68 21.74
N ALA B 103 -5.79 7.57 22.69
CA ALA B 103 -6.96 7.49 23.55
C ALA B 103 -7.20 8.89 24.13
N PRO B 104 -8.43 9.18 24.58
CA PRO B 104 -8.70 10.52 25.09
C PRO B 104 -7.68 10.97 26.16
N ASN B 105 -7.21 10.03 26.96
CA ASN B 105 -6.25 10.34 28.02
C ASN B 105 -4.82 10.03 27.60
N LEU B 106 -4.63 9.77 26.31
CA LEU B 106 -3.31 9.52 25.78
C LEU B 106 -3.19 10.21 24.43
N LEU B 107 -2.92 11.51 24.49
CA LEU B 107 -2.71 12.34 23.32
C LEU B 107 -1.22 12.65 23.25
N LEU B 108 -0.53 12.01 22.32
CA LEU B 108 0.93 12.13 22.21
C LEU B 108 1.34 13.01 21.03
N ASP B 109 2.37 13.81 21.21
CA ASP B 109 2.95 14.61 20.14
C ASP B 109 4.13 13.87 19.51
N ARG B 110 4.62 14.34 18.36
CA ARG B 110 5.73 13.69 17.65
C ARG B 110 6.95 13.45 18.56
N ASN B 111 7.17 14.34 19.52
CA ASN B 111 8.33 14.25 20.39
C ASN B 111 8.26 13.12 21.43
N GLN B 112 7.05 12.77 21.86
CA GLN B 112 6.90 11.67 22.80
C GLN B 112 7.11 10.35 22.07
N GLY B 113 7.08 10.41 20.74
CA GLY B 113 7.42 9.26 19.92
C GLY B 113 8.91 8.94 19.98
N LYS B 114 9.72 9.94 20.29
CA LYS B 114 11.15 9.74 20.44
C LYS B 114 11.47 8.96 21.73
N CYS B 115 10.46 8.77 22.57
CA CYS B 115 10.62 8.01 23.81
C CYS B 115 10.93 6.53 23.54
N VAL B 116 10.77 6.14 22.28
CA VAL B 116 11.03 4.76 21.86
C VAL B 116 11.83 4.74 20.55
N GLU B 117 12.92 3.99 20.53
CA GLU B 117 13.76 3.93 19.33
C GLU B 117 12.94 3.49 18.12
N GLY B 118 13.15 4.16 17.00
CA GLY B 118 12.47 3.82 15.76
C GLY B 118 11.03 4.29 15.66
N MET B 119 10.49 4.80 16.77
CA MET B 119 9.06 5.16 16.83
C MET B 119 8.72 6.52 16.23
N VAL B 120 9.64 7.47 16.31
CA VAL B 120 9.39 8.81 15.78
C VAL B 120 9.03 8.78 14.29
N GLU B 121 9.71 7.91 13.53
CA GLU B 121 9.46 7.82 12.09
C GLU B 121 8.04 7.34 11.79
N ILE B 122 7.57 6.38 12.58
CA ILE B 122 6.21 5.87 12.44
C ILE B 122 5.19 6.95 12.83
N PHE B 123 5.40 7.59 13.98
CA PHE B 123 4.55 8.72 14.37
C PHE B 123 4.41 9.78 13.27
N ASP B 124 5.54 10.16 12.66
CA ASP B 124 5.56 11.13 11.57
C ASP B 124 4.68 10.75 10.38
N MET B 125 4.70 9.46 10.02
CA MET B 125 3.87 8.95 8.95
C MET B 125 2.39 8.99 9.35
N LEU B 126 2.12 8.61 10.59
CA LEU B 126 0.76 8.66 11.12
C LEU B 126 0.26 10.10 11.12
N LEU B 127 1.10 11.02 11.58
CA LEU B 127 0.74 12.43 11.62
C LEU B 127 0.53 13.02 10.21
N ALA B 128 1.39 12.67 9.26
CA ALA B 128 1.23 13.17 7.89
C ALA B 128 -0.09 12.73 7.29
N THR B 129 -0.52 11.52 7.65
CA THR B 129 -1.76 10.94 7.12
C THR B 129 -2.95 11.65 7.77
N SER B 130 -2.84 11.91 9.07
CA SER B 130 -3.85 12.70 9.75
C SER B 130 -3.99 14.06 9.09
N SER B 131 -2.85 14.69 8.79
CA SER B 131 -2.85 15.99 8.13
C SER B 131 -3.57 15.91 6.78
N ARG B 132 -3.33 14.84 6.04
CA ARG B 132 -3.97 14.62 4.74
C ARG B 132 -5.50 14.47 4.86
N PHE B 133 -5.94 13.66 5.82
CA PHE B 133 -7.37 13.53 6.10
C PHE B 133 -7.98 14.89 6.35
N ARG B 134 -7.33 15.66 7.21
CA ARG B 134 -7.75 17.02 7.53
C ARG B 134 -7.79 17.89 6.26
N MET B 135 -6.77 17.79 5.42
CA MET B 135 -6.72 18.57 4.18
C MET B 135 -7.91 18.25 3.28
N MET B 136 -8.29 16.96 3.23
CA MET B 136 -9.40 16.50 2.40
C MET B 136 -10.77 16.69 3.06
N ASN B 137 -10.77 17.13 4.32
CA ASN B 137 -12.03 17.16 5.07
C ASN B 137 -12.73 15.79 5.02
N LEU B 138 -11.99 14.73 5.33
CA LEU B 138 -12.53 13.38 5.31
C LEU B 138 -13.76 13.28 6.22
N GLN B 139 -14.81 12.62 5.73
CA GLN B 139 -16.04 12.49 6.50
C GLN B 139 -16.15 11.13 7.19
N GLY B 140 -16.92 11.07 8.27
CA GLY B 140 -17.07 9.83 9.01
C GLY B 140 -17.61 8.70 8.16
N GLU B 141 -18.54 9.02 7.27
CA GLU B 141 -19.15 8.01 6.40
C GLU B 141 -18.10 7.43 5.47
N GLU B 142 -17.22 8.29 4.96
CA GLU B 142 -16.14 7.87 4.08
C GLU B 142 -15.13 7.03 4.85
N PHE B 143 -14.79 7.48 6.05
CA PHE B 143 -13.86 6.76 6.90
C PHE B 143 -14.31 5.31 7.10
N VAL B 144 -15.57 5.12 7.51
CA VAL B 144 -16.05 3.75 7.75
C VAL B 144 -15.97 2.88 6.48
N CYS B 145 -16.28 3.46 5.33
CA CYS B 145 -16.12 2.72 4.07
C CYS B 145 -14.69 2.28 3.83
N LEU B 146 -13.75 3.21 4.00
CA LEU B 146 -12.33 2.92 3.79
C LEU B 146 -11.86 1.82 4.74
N LYS B 147 -12.33 1.85 5.98
CA LYS B 147 -11.92 0.85 6.96
C LYS B 147 -12.40 -0.54 6.56
N SER B 148 -13.61 -0.64 6.02
CA SER B 148 -14.11 -1.93 5.55
C SER B 148 -13.35 -2.39 4.31
N ILE B 149 -13.02 -1.46 3.42
CA ILE B 149 -12.23 -1.81 2.23
C ILE B 149 -10.89 -2.43 2.67
N ILE B 150 -10.26 -1.83 3.67
CA ILE B 150 -9.00 -2.39 4.16
C ILE B 150 -9.19 -3.85 4.57
N LEU B 151 -10.19 -4.09 5.40
CA LEU B 151 -10.47 -5.44 5.89
C LEU B 151 -10.61 -6.45 4.76
N LEU B 152 -11.41 -6.12 3.75
CA LEU B 152 -11.72 -7.06 2.70
C LEU B 152 -10.62 -7.09 1.65
N ASN B 153 -9.91 -5.99 1.47
CA ASN B 153 -8.87 -5.93 0.43
C ASN B 153 -7.49 -6.48 0.81
N SER B 154 -6.99 -6.13 1.99
CA SER B 154 -5.56 -6.33 2.23
C SER B 154 -5.05 -7.75 2.03
N GLY B 155 -5.83 -8.75 2.44
CA GLY B 155 -5.39 -10.12 2.28
C GLY B 155 -6.07 -10.88 1.15
N VAL B 156 -6.82 -10.18 0.31
CA VAL B 156 -7.67 -10.85 -0.69
C VAL B 156 -6.87 -11.60 -1.79
N TYR B 157 -5.72 -11.09 -2.20
CA TYR B 157 -4.89 -11.84 -3.15
C TYR B 157 -4.21 -12.99 -2.41
N THR B 158 -4.16 -12.84 -1.10
CA THR B 158 -3.65 -13.86 -0.19
C THR B 158 -2.31 -13.48 0.43
N LYS B 170 -14.29 -15.88 -3.53
CA LYS B 170 -13.44 -14.72 -3.74
C LYS B 170 -14.10 -13.67 -4.63
N ASP B 171 -14.95 -14.12 -5.55
CA ASP B 171 -15.77 -13.20 -6.33
C ASP B 171 -16.69 -12.43 -5.39
N HIS B 172 -17.17 -13.10 -4.35
CA HIS B 172 -18.10 -12.47 -3.41
C HIS B 172 -17.44 -11.28 -2.71
N ILE B 173 -16.19 -11.46 -2.27
CA ILE B 173 -15.41 -10.40 -1.69
C ILE B 173 -15.32 -9.22 -2.66
N HIS B 174 -14.95 -9.51 -3.90
CA HIS B 174 -14.82 -8.46 -4.90
C HIS B 174 -16.14 -7.77 -5.21
N ARG B 175 -17.24 -8.53 -5.18
CA ARG B 175 -18.56 -7.93 -5.37
C ARG B 175 -18.91 -7.02 -4.20
N VAL B 176 -18.53 -7.44 -3.00
CA VAL B 176 -18.77 -6.60 -1.82
C VAL B 176 -17.94 -5.35 -1.90
N LEU B 177 -16.69 -5.52 -2.34
CA LEU B 177 -15.79 -4.38 -2.47
C LEU B 177 -16.37 -3.33 -3.43
N ASP B 178 -16.96 -3.79 -4.55
CA ASP B 178 -17.53 -2.88 -5.53
C ASP B 178 -18.71 -2.13 -4.88
N LYS B 179 -19.49 -2.85 -4.08
CA LYS B 179 -20.62 -2.21 -3.37
C LYS B 179 -20.12 -1.05 -2.50
N ILE B 180 -18.98 -1.23 -1.86
CA ILE B 180 -18.45 -0.17 -1.00
C ILE B 180 -17.97 1.00 -1.85
N THR B 181 -17.34 0.70 -3.00
CA THR B 181 -17.03 1.77 -3.93
C THR B 181 -18.31 2.53 -4.30
N ASP B 182 -19.35 1.79 -4.66
CA ASP B 182 -20.63 2.45 -4.99
C ASP B 182 -21.06 3.37 -3.85
N THR B 183 -20.81 2.94 -2.62
CA THR B 183 -21.27 3.69 -1.42
C THR B 183 -20.46 4.98 -1.25
N LEU B 184 -19.15 4.88 -1.43
CA LEU B 184 -18.28 6.07 -1.44
C LEU B 184 -18.76 7.08 -2.47
N ILE B 185 -18.99 6.63 -3.70
CA ILE B 185 -19.43 7.51 -4.78
C ILE B 185 -20.80 8.09 -4.44
N HIS B 186 -21.68 7.28 -3.86
CA HIS B 186 -22.99 7.74 -3.40
C HIS B 186 -22.87 8.93 -2.45
N LEU B 187 -21.99 8.80 -1.46
CA LEU B 187 -21.78 9.83 -0.45
C LEU B 187 -21.27 11.11 -1.10
N MET B 188 -20.39 10.96 -2.08
CA MET B 188 -19.81 12.11 -2.75
C MET B 188 -20.82 12.80 -3.66
N ALA B 189 -21.62 12.00 -4.37
CA ALA B 189 -22.68 12.58 -5.20
C ALA B 189 -23.68 13.31 -4.31
N LYS B 190 -24.01 12.69 -3.18
CA LYS B 190 -24.94 13.28 -2.23
C LYS B 190 -24.40 14.59 -1.66
N ALA B 191 -23.08 14.75 -1.68
CA ALA B 191 -22.45 15.95 -1.13
C ALA B 191 -22.28 17.05 -2.17
N GLY B 192 -22.78 16.84 -3.39
CA GLY B 192 -22.73 17.87 -4.42
C GLY B 192 -21.52 17.85 -5.34
N LEU B 193 -20.61 16.90 -5.16
CA LEU B 193 -19.43 16.85 -6.02
C LEU B 193 -19.80 16.52 -7.46
N THR B 194 -19.13 17.15 -8.42
CA THR B 194 -19.32 16.82 -9.83
C THR B 194 -18.79 15.41 -10.08
N LEU B 195 -19.17 14.84 -11.21
CA LEU B 195 -18.67 13.54 -11.62
CA LEU B 195 -18.67 13.54 -11.64
C LEU B 195 -17.15 13.52 -11.60
N GLN B 196 -16.53 14.51 -12.22
CA GLN B 196 -15.06 14.57 -12.25
C GLN B 196 -14.49 14.64 -10.83
N GLN B 197 -15.15 15.40 -9.97
CA GLN B 197 -14.69 15.54 -8.57
C GLN B 197 -14.86 14.24 -7.80
N GLN B 198 -15.95 13.52 -8.05
CA GLN B 198 -16.17 12.23 -7.39
C GLN B 198 -15.05 11.25 -7.71
N HIS B 199 -14.68 11.15 -8.99
CA HIS B 199 -13.66 10.19 -9.38
C HIS B 199 -12.32 10.59 -8.78
N GLN B 200 -11.99 11.88 -8.85
CA GLN B 200 -10.73 12.37 -8.25
C GLN B 200 -10.65 12.11 -6.75
N ARG B 201 -11.74 12.36 -6.04
CA ARG B 201 -11.75 12.14 -4.59
C ARG B 201 -11.70 10.66 -4.24
N LEU B 202 -12.39 9.83 -5.00
CA LEU B 202 -12.31 8.39 -4.75
C LEU B 202 -10.86 7.94 -4.87
N ALA B 203 -10.18 8.45 -5.90
CA ALA B 203 -8.78 8.06 -6.10
C ALA B 203 -7.90 8.55 -4.95
N GLN B 204 -8.05 9.82 -4.59
CA GLN B 204 -7.34 10.37 -3.44
C GLN B 204 -7.53 9.50 -2.21
N LEU B 205 -8.76 9.12 -1.93
CA LEU B 205 -9.03 8.30 -0.75
C LEU B 205 -8.33 6.95 -0.81
N LEU B 206 -8.43 6.27 -1.95
CA LEU B 206 -7.86 4.93 -2.03
C LEU B 206 -6.33 4.93 -2.03
N LEU B 207 -5.72 5.97 -2.58
CA LEU B 207 -4.25 6.07 -2.54
C LEU B 207 -3.73 6.17 -1.11
N ILE B 208 -4.53 6.74 -0.22
CA ILE B 208 -4.14 6.78 1.19
C ILE B 208 -3.98 5.36 1.73
N LEU B 209 -4.75 4.43 1.19
CA LEU B 209 -4.68 3.05 1.64
C LEU B 209 -3.27 2.47 1.40
N SER B 210 -2.60 2.96 0.36
CA SER B 210 -1.20 2.58 0.08
CA SER B 210 -1.21 2.57 0.09
C SER B 210 -0.33 3.00 1.25
N HIS B 211 -0.51 4.23 1.69
CA HIS B 211 0.28 4.77 2.79
C HIS B 211 -0.01 4.03 4.09
N ILE B 212 -1.28 3.68 4.30
CA ILE B 212 -1.67 2.93 5.49
C ILE B 212 -1.08 1.50 5.47
N ARG B 213 -1.03 0.87 4.30
CA ARG B 213 -0.30 -0.39 4.18
C ARG B 213 1.17 -0.20 4.58
N HIS B 214 1.81 0.81 4.00
CA HIS B 214 3.19 1.11 4.33
C HIS B 214 3.39 1.24 5.84
N MET B 215 2.51 2.00 6.47
CA MET B 215 2.67 2.25 7.89
C MET B 215 2.49 0.99 8.72
N SER B 216 1.56 0.12 8.32
CA SER B 216 1.38 -1.16 9.01
C SER B 216 2.62 -2.03 8.84
N ASN B 217 3.14 -2.08 7.62
CA ASN B 217 4.36 -2.86 7.41
C ASN B 217 5.48 -2.41 8.33
N LYS B 218 5.67 -1.09 8.44
CA LYS B 218 6.72 -0.58 9.30
C LYS B 218 6.41 -0.88 10.77
N GLY B 219 5.15 -0.67 11.15
CA GLY B 219 4.73 -0.93 12.52
C GLY B 219 4.93 -2.38 12.90
N MET B 220 4.67 -3.29 11.97
CA MET B 220 4.82 -4.71 12.22
C MET B 220 6.28 -5.09 12.49
N GLU B 221 7.19 -4.58 11.65
CA GLU B 221 8.62 -4.79 11.88
C GLU B 221 9.07 -4.23 13.22
N HIS B 222 8.52 -3.08 13.60
CA HIS B 222 8.89 -2.47 14.86
C HIS B 222 8.42 -3.35 16.00
N LEU B 223 7.11 -3.57 16.06
CA LEU B 223 6.51 -4.45 17.05
C LEU B 223 7.28 -5.77 17.14
N TYR B 224 7.74 -6.28 16.02
CA TYR B 224 8.52 -7.52 16.04
C TYR B 224 9.86 -7.33 16.76
N SER B 225 10.52 -6.21 16.53
CA SER B 225 11.80 -5.93 17.21
C SER B 225 11.60 -5.81 18.71
N MET B 226 10.57 -5.07 19.11
CA MET B 226 10.19 -4.96 20.50
C MET B 226 9.99 -6.34 21.14
N LYS B 227 9.32 -7.23 20.41
CA LYS B 227 9.08 -8.59 20.85
C LYS B 227 10.36 -9.39 21.14
N CYS B 228 11.23 -9.54 20.15
CA CYS B 228 12.49 -10.28 20.32
C CYS B 228 13.35 -9.68 21.44
N LYS B 229 13.25 -8.38 21.65
CA LYS B 229 14.04 -7.70 22.68
C LYS B 229 13.49 -7.92 24.08
N ASN B 230 12.42 -8.69 24.19
CA ASN B 230 11.72 -8.85 25.48
C ASN B 230 11.49 -7.50 26.15
N VAL B 231 11.38 -7.50 27.48
CA VAL B 231 11.02 -6.29 28.21
C VAL B 231 9.51 -6.08 28.17
N VAL B 232 9.03 -5.38 27.13
CA VAL B 232 7.59 -5.17 26.95
C VAL B 232 6.88 -6.48 26.63
N PRO B 233 5.96 -6.91 27.51
CA PRO B 233 5.19 -8.14 27.35
C PRO B 233 4.04 -7.90 26.39
N LEU B 234 3.86 -8.79 25.43
CA LEU B 234 2.73 -8.69 24.51
C LEU B 234 1.73 -9.77 24.88
N SER B 235 0.44 -9.49 24.69
CA SER B 235 -0.60 -10.49 24.97
C SER B 235 -0.42 -11.70 24.06
N ASP B 236 -0.97 -12.84 24.45
CA ASP B 236 -0.92 -14.03 23.61
C ASP B 236 -1.52 -13.74 22.23
N LEU B 237 -2.65 -13.05 22.25
CA LEU B 237 -3.35 -12.68 21.01
C LEU B 237 -2.46 -11.84 20.10
N LEU B 238 -1.82 -10.82 20.66
CA LEU B 238 -0.95 -9.93 19.88
C LEU B 238 0.23 -10.70 19.27
N LEU B 239 0.86 -11.54 20.09
CA LEU B 239 1.93 -12.42 19.63
C LEU B 239 1.47 -13.28 18.44
N GLU B 240 0.24 -13.80 18.52
CA GLU B 240 -0.30 -14.64 17.45
C GLU B 240 -0.55 -13.86 16.16
N MET B 241 -1.19 -12.69 16.27
CA MET B 241 -1.39 -11.81 15.13
C MET B 241 -0.03 -11.48 14.51
N LEU B 242 0.93 -11.21 15.39
CA LEU B 242 2.30 -10.87 15.00
C LEU B 242 2.96 -12.00 14.23
N ASP B 243 2.79 -13.22 14.73
CA ASP B 243 3.41 -14.39 14.10
C ASP B 243 2.82 -14.75 12.74
N ALA B 244 1.62 -14.26 12.44
CA ALA B 244 1.00 -14.47 11.13
C ALA B 244 1.66 -13.65 10.03
N HIS B 245 2.44 -12.66 10.42
CA HIS B 245 3.17 -11.83 9.47
C HIS B 245 4.62 -12.29 9.29
N ARG B 246 4.96 -13.41 9.93
CA ARG B 246 6.29 -14.00 9.80
C ARG B 246 6.19 -15.46 9.39
N HIS C 1 26.86 14.02 -2.34
CA HIS C 1 25.47 13.69 -2.63
C HIS C 1 25.28 12.28 -3.11
N LYS C 2 24.05 11.91 -3.26
CA LYS C 2 23.74 10.56 -3.59
C LYS C 2 24.12 10.29 -5.01
N ILE C 3 24.36 9.04 -5.32
CA ILE C 3 24.42 8.67 -6.73
C ILE C 3 23.14 8.99 -7.46
N LEU C 4 22.00 8.77 -6.81
CA LEU C 4 20.71 9.01 -7.44
C LEU C 4 20.60 10.47 -7.84
N HIS C 5 21.10 11.34 -6.96
CA HIS C 5 21.05 12.78 -7.17
C HIS C 5 21.82 13.18 -8.41
N ARG C 6 22.92 12.48 -8.69
CA ARG C 6 23.72 12.83 -9.86
C ARG C 6 23.09 12.32 -11.16
N LEU C 7 22.55 11.10 -11.11
CA LEU C 7 21.89 10.52 -12.27
C LEU C 7 20.70 11.36 -12.72
N LEU C 8 20.02 12.02 -11.78
CA LEU C 8 18.84 12.82 -12.11
C LEU C 8 19.22 14.03 -12.97
N GLN C 9 20.47 14.47 -12.86
CA GLN C 9 20.96 15.62 -13.60
C GLN C 9 21.49 15.23 -14.99
N ASP C 10 22.27 14.16 -15.04
CA ASP C 10 22.94 13.74 -16.28
C ASP C 10 21.98 13.33 -17.40
N LYS D 2 -5.92 -21.27 17.38
CA LYS D 2 -5.53 -19.87 17.59
C LYS D 2 -6.62 -19.07 18.30
N ILE D 3 -6.18 -18.11 19.12
CA ILE D 3 -7.09 -17.21 19.85
C ILE D 3 -8.05 -16.46 18.91
N LEU D 4 -7.58 -16.06 17.72
CA LEU D 4 -8.43 -15.34 16.77
C LEU D 4 -9.60 -16.22 16.35
N HIS D 5 -9.33 -17.50 16.12
CA HIS D 5 -10.39 -18.47 15.84
C HIS D 5 -11.51 -18.38 16.87
N ARG D 6 -11.14 -18.53 18.14
CA ARG D 6 -12.15 -18.56 19.21
C ARG D 6 -12.96 -17.27 19.27
N LEU D 7 -12.28 -16.12 19.13
CA LEU D 7 -12.94 -14.82 19.19
C LEU D 7 -13.96 -14.65 18.07
N LEU D 8 -13.63 -15.15 16.88
CA LEU D 8 -14.54 -15.06 15.75
C LEU D 8 -15.83 -15.86 15.98
N GLN D 9 -15.69 -17.07 16.53
CA GLN D 9 -16.85 -17.91 16.83
C GLN D 9 -17.68 -17.35 17.99
N ASP D 10 -17.02 -16.80 19.00
CA ASP D 10 -17.70 -16.24 20.17
C ASP D 10 -18.03 -14.75 20.03
CAK 15Q E . 11.90 -7.21 -8.86
CAK 15Q E . 14.09 -7.51 -9.47
CAO 15Q E . 11.65 -6.77 -10.15
CAO 15Q E . 13.94 -6.87 -10.70
FAD 15Q E . 10.42 -6.42 -10.49
FAD 15Q E . 15.01 -6.77 -11.50
CAM 15Q E . 12.68 -6.71 -11.08
CAM 15Q E . 12.73 -6.37 -11.12
OAB 15Q E . 12.43 -6.27 -12.36
OAB 15Q E . 12.59 -5.74 -12.33
CAG 15Q E . 13.95 -7.08 -10.73
CAG 15Q E . 11.65 -6.49 -10.29
CAI 15Q E . 14.21 -7.53 -9.44
CAI 15Q E . 11.78 -7.11 -9.05
CAR 15Q E . 13.18 -7.61 -8.53
CAR 15Q E . 13.00 -7.64 -8.63
CAS 15Q E . 13.51 -8.03 -7.26
CAS 15Q E . 12.97 -8.23 -7.36
CAP 15Q E . 12.89 -9.03 -6.53
CAP 15Q E . 13.86 -8.01 -6.27
CL 15Q E . 11.55 -9.97 -7.11
CL 15Q E . 15.19 -6.94 -6.58
CAJ 15Q E . 14.56 -7.34 -6.71
CAJ 15Q E . 11.89 -9.06 -7.15
CAH 15Q E . 15.05 -7.62 -5.46
CAH 15Q E . 11.68 -9.73 -5.93
CAN 15Q E . 14.46 -8.60 -4.73
CAN 15Q E . 12.55 -9.52 -4.89
OAC 15Q E . 15.00 -8.83 -3.49
OAC 15Q E . 12.37 -10.17 -3.67
CAQ 15Q E . 13.39 -9.28 -5.27
CAQ 15Q E . 13.64 -8.68 -5.04
CAF 15Q E . 12.73 -10.33 -4.49
CAF 15Q E . 14.50 -8.55 -3.80
NAL 15Q E . 13.10 -11.52 -4.77
NAL 15Q E . 14.52 -9.48 -2.84
OAA 15Q E . 13.03 -12.36 -3.79
OAA 15Q E . 15.72 -9.74 -2.31
H1 15Q E . 11.18 -7.27 -8.22
H1 15Q E . 14.95 -7.86 -9.20
H2 15Q E . 12.62 -5.41 -12.42
H2 15Q E . 13.07 -4.99 -12.33
H3 15Q E . 14.67 -7.04 -11.37
H3 15Q E . 10.79 -6.14 -10.57
H4 15Q E . 15.11 -7.79 -9.19
H4 15Q E . 11.00 -7.19 -8.48
H5 15Q E . 15.00 -6.65 -7.24
H5 15Q E . 11.27 -9.21 -7.88
H6 15Q E . 15.80 -7.13 -5.10
H6 15Q E . 10.91 -10.32 -5.82
H7 15Q E . 15.08 -9.71 -3.35
H7 15Q E . 12.60 -11.02 -3.75
H8 15Q E . 12.27 -10.13 -3.67
H8 15Q E . 14.89 -7.69 -3.59
H11 15Q E . 12.41 -12.97 -3.97
H11 15Q E . 16.08 -8.99 -2.00
CAK 15Q F . -1.34 1.27 18.90
CAO 15Q F . -2.68 1.42 18.97
FAD 15Q F . -3.57 1.23 19.97
CAM 15Q F . -3.39 1.88 17.93
OAB 15Q F . -4.69 1.97 18.24
CAG 15Q F . -2.88 2.22 16.73
CAI 15Q F . -1.53 2.03 16.60
CAR 15Q F . -0.77 1.57 17.67
CAS 15Q F . 0.56 1.46 17.33
CAP 15Q F . 1.36 0.35 17.52
CL 15Q F . 0.66 -0.97 18.35
CAJ 15Q F . 1.02 2.55 16.66
CAH 15Q F . 2.31 2.55 16.25
CAN 15Q F . 3.09 1.47 16.49
OAC 15Q F . 4.37 1.50 16.05
CAQ 15Q F . 2.66 0.36 17.15
CAF 15Q F . 3.69 -0.72 17.27
NAL 15Q F . 4.73 -0.50 17.99
OAA 15Q F . 5.86 -1.20 17.71
H1 15Q F . -0.81 0.91 19.64
H2 15Q F . -4.93 1.29 18.73
H3 15Q F . -3.45 2.54 16.00
H4 15Q F . -1.10 2.25 15.76
H5 15Q F . 0.46 3.32 16.50
H6 15Q F . 2.67 3.32 15.79
H7 15Q F . 4.60 0.70 15.75
H8 15Q F . 3.70 -1.46 16.62
H11 15Q F . 6.13 -1.62 18.44
#